data_4HU4
#
_entry.id   4HU4
#
_cell.length_a   35.600
_cell.length_b   171.170
_cell.length_c   48.830
_cell.angle_alpha   90.000
_cell.angle_beta   90.030
_cell.angle_gamma   90.000
#
_symmetry.space_group_name_H-M   'P 1 21 1'
#
loop_
_entity.id
_entity.type
_entity.pdbx_description
1 polymer 'Oxygen sensor protein DosP'
2 water water
#
_entity_poly.entity_id   1
_entity_poly.type   'polypeptide(L)'
_entity_poly.pdbx_seq_one_letter_code
;MGSSHHHHHHSSGLVPRGSHMFFSPAMNEMVKERLVLGAALKEAISNNQLKLVYQPQIFAETGELYGIEALARWHDPLHG
HVPPSRFIPLAEEIGEIENIGRWVIAEACRQLAEWRSQNIHIPALSVNLSALHFRSNQLPNQVSDAMHAWGIDGHQLTVE
ITESMMMEHDTEIFKRIQILRDMGVGLSVDDFGTGFSGLSRLVSLPVTEIKIDKSFVDRCLTEKRILALLEAITSIGQSL
NLTVVAEGVETKEQFEMLRKIHCRVIQGYFFSRPLPAEEIPGWMSSVLPLKI
;
_entity_poly.pdbx_strand_id   A,B
#
# COMPACT_ATOMS: atom_id res chain seq x y z
N ARG A 34 -13.88 -18.68 34.61
CA ARG A 34 -13.94 -17.75 35.74
C ARG A 34 -14.17 -18.47 37.05
N LEU A 35 -15.35 -18.29 37.63
CA LEU A 35 -15.67 -18.90 38.93
C LEU A 35 -15.92 -20.40 38.83
N VAL A 36 -16.39 -20.85 37.67
CA VAL A 36 -16.66 -22.27 37.47
C VAL A 36 -16.11 -22.77 36.15
N LEU A 37 -16.44 -22.09 35.06
CA LEU A 37 -16.05 -22.53 33.73
C LEU A 37 -14.55 -22.45 33.50
N GLY A 38 -13.85 -21.72 34.37
CA GLY A 38 -12.40 -21.63 34.30
C GLY A 38 -11.76 -22.97 34.60
N ALA A 39 -12.39 -23.72 35.48
CA ALA A 39 -11.94 -25.07 35.80
C ALA A 39 -12.48 -26.06 34.78
N ALA A 40 -13.64 -25.72 34.21
CA ALA A 40 -14.27 -26.55 33.19
C ALA A 40 -13.47 -26.50 31.89
N LEU A 41 -13.05 -25.30 31.51
CA LEU A 41 -12.22 -25.12 30.33
C LEU A 41 -10.84 -25.73 30.57
N LYS A 42 -10.42 -25.72 31.83
CA LYS A 42 -9.16 -26.32 32.22
C LYS A 42 -9.16 -27.80 31.84
N GLU A 43 -10.29 -28.45 32.09
CA GLU A 43 -10.48 -29.83 31.64
C GLU A 43 -11.46 -29.89 30.48
N ALA A 44 -11.00 -29.49 29.30
CA ALA A 44 -11.79 -29.57 28.09
C ALA A 44 -11.31 -30.75 27.27
N ILE A 45 -10.04 -31.10 27.44
CA ILE A 45 -9.43 -32.23 26.75
C ILE A 45 -9.83 -33.54 27.42
N SER A 46 -10.10 -33.46 28.72
CA SER A 46 -10.41 -34.65 29.51
C SER A 46 -11.90 -34.78 29.80
N ASN A 47 -12.69 -33.86 29.25
CA ASN A 47 -14.14 -33.89 29.45
C ASN A 47 -14.92 -34.15 28.16
N ASN A 48 -14.21 -34.65 27.15
CA ASN A 48 -14.84 -35.21 25.96
C ASN A 48 -15.69 -34.25 25.13
N GLN A 49 -15.38 -32.95 25.18
CA GLN A 49 -16.17 -31.97 24.45
C GLN A 49 -15.38 -30.80 23.86
N LEU A 50 -14.08 -30.98 23.64
CA LEU A 50 -13.28 -29.96 22.99
C LEU A 50 -13.05 -30.35 21.53
N LYS A 51 -13.45 -29.49 20.60
CA LYS A 51 -13.39 -29.84 19.18
C LYS A 51 -12.89 -28.70 18.28
N LEU A 52 -12.77 -29.02 17.00
CA LEU A 52 -12.35 -28.07 15.98
C LEU A 52 -13.41 -28.01 14.88
N VAL A 53 -13.65 -26.82 14.35
CA VAL A 53 -14.50 -26.68 13.17
C VAL A 53 -13.69 -26.12 12.01
N TYR A 54 -14.12 -26.43 10.80
CA TYR A 54 -13.32 -26.15 9.61
C TYR A 54 -14.10 -25.36 8.57
N GLN A 55 -13.49 -24.28 8.08
CA GLN A 55 -14.12 -23.45 7.05
C GLN A 55 -13.38 -23.53 5.72
N PRO A 56 -14.08 -23.93 4.66
CA PRO A 56 -13.49 -24.14 3.33
C PRO A 56 -13.10 -22.85 2.63
N GLN A 57 -11.95 -22.88 1.93
CA GLN A 57 -11.49 -21.77 1.11
C GLN A 57 -11.52 -22.19 -0.35
N ILE A 58 -12.22 -21.43 -1.18
CA ILE A 58 -12.49 -21.85 -2.56
C ILE A 58 -11.94 -20.88 -3.61
N PHE A 59 -11.30 -21.43 -4.64
CA PHE A 59 -10.79 -20.63 -5.75
C PHE A 59 -11.89 -19.82 -6.44
N ALA A 60 -11.52 -18.70 -7.03
CA ALA A 60 -12.49 -17.80 -7.66
C ALA A 60 -12.91 -18.27 -9.05
N GLU A 61 -11.95 -18.40 -9.96
CA GLU A 61 -12.25 -18.73 -11.35
C GLU A 61 -12.63 -20.20 -11.55
N THR A 62 -11.91 -21.10 -10.90
CA THR A 62 -12.15 -22.53 -11.06
C THR A 62 -13.25 -23.03 -10.13
N GLY A 63 -13.25 -22.53 -8.90
CA GLY A 63 -14.23 -22.95 -7.92
C GLY A 63 -13.77 -24.17 -7.14
N GLU A 64 -12.50 -24.54 -7.36
CA GLU A 64 -11.92 -25.69 -6.69
C GLU A 64 -11.49 -25.31 -5.28
N LEU A 65 -11.29 -26.31 -4.42
CA LEU A 65 -10.92 -26.07 -3.03
C LEU A 65 -9.45 -25.68 -2.92
N TYR A 66 -9.20 -24.51 -2.33
CA TYR A 66 -7.83 -24.04 -2.13
C TYR A 66 -7.25 -24.58 -0.82
N GLY A 67 -7.97 -24.35 0.27
CA GLY A 67 -7.54 -24.79 1.57
C GLY A 67 -8.67 -24.74 2.57
N ILE A 68 -8.37 -25.01 3.83
CA ILE A 68 -9.36 -24.96 4.89
C ILE A 68 -8.77 -24.34 6.15
N GLU A 69 -9.51 -23.44 6.78
CA GLU A 69 -9.08 -22.85 8.04
C GLU A 69 -9.67 -23.60 9.23
N ALA A 70 -8.82 -24.01 10.16
CA ALA A 70 -9.26 -24.71 11.35
C ALA A 70 -9.62 -23.72 12.45
N LEU A 71 -10.84 -23.84 12.97
CA LEU A 71 -11.30 -22.95 14.03
C LEU A 71 -11.61 -23.73 15.30
N ALA A 72 -11.01 -23.31 16.41
CA ALA A 72 -11.18 -24.00 17.69
C ALA A 72 -12.56 -23.75 18.28
N ARG A 73 -13.11 -24.78 18.91
CA ARG A 73 -14.42 -24.67 19.55
C ARG A 73 -14.43 -25.36 20.91
N TRP A 74 -15.42 -25.03 21.73
CA TRP A 74 -15.55 -25.62 23.06
C TRP A 74 -17.02 -25.76 23.46
N HIS A 75 -17.45 -27.01 23.61
CA HIS A 75 -18.83 -27.30 23.99
C HIS A 75 -18.93 -27.69 25.46
N ASP A 76 -19.98 -27.23 26.12
CA ASP A 76 -20.19 -27.51 27.53
C ASP A 76 -21.65 -27.87 27.75
N PRO A 77 -21.93 -28.82 28.67
CA PRO A 77 -23.30 -29.21 28.99
C PRO A 77 -24.20 -28.02 29.34
N LEU A 78 -23.61 -26.98 29.92
CA LEU A 78 -24.32 -25.72 30.13
C LEU A 78 -23.68 -24.63 29.27
N HIS A 79 -24.47 -23.62 28.91
CA HIS A 79 -24.02 -22.50 28.09
C HIS A 79 -23.65 -22.91 26.66
N GLY A 80 -23.87 -24.19 26.35
CA GLY A 80 -23.70 -24.71 25.00
C GLY A 80 -22.33 -24.52 24.38
N HIS A 81 -22.33 -24.16 23.10
CA HIS A 81 -21.09 -23.98 22.35
C HIS A 81 -20.49 -22.61 22.59
N VAL A 82 -19.20 -22.58 22.95
CA VAL A 82 -18.51 -21.33 23.21
C VAL A 82 -17.44 -21.05 22.17
N PRO A 83 -17.70 -20.06 21.29
CA PRO A 83 -16.78 -19.63 20.23
C PRO A 83 -15.42 -19.17 20.79
N PRO A 84 -14.36 -19.23 19.96
CA PRO A 84 -13.01 -18.82 20.35
C PRO A 84 -12.93 -17.35 20.69
N SER A 85 -13.97 -16.60 20.34
CA SER A 85 -14.05 -15.18 20.64
C SER A 85 -14.50 -14.96 22.07
N ARG A 86 -14.69 -16.05 22.81
CA ARG A 86 -15.28 -15.97 24.15
C ARG A 86 -14.52 -16.75 25.24
N PHE A 87 -13.91 -17.88 24.88
CA PHE A 87 -13.24 -18.70 25.89
C PHE A 87 -11.71 -18.56 25.90
N ILE A 88 -11.15 -18.17 24.76
CA ILE A 88 -9.69 -18.01 24.66
C ILE A 88 -9.11 -16.91 25.54
N PRO A 89 -9.74 -15.71 25.56
CA PRO A 89 -9.25 -14.73 26.53
C PRO A 89 -9.57 -15.13 27.95
N LEU A 90 -10.57 -15.98 28.13
CA LEU A 90 -11.02 -16.41 29.46
C LEU A 90 -10.13 -17.50 30.06
N ALA A 91 -9.27 -18.09 29.23
CA ALA A 91 -8.37 -19.15 29.70
C ALA A 91 -7.17 -18.54 30.43
N GLU A 92 -7.15 -18.66 31.75
CA GLU A 92 -6.07 -18.10 32.55
C GLU A 92 -5.64 -18.97 33.72
N GLU A 93 -5.22 -20.19 33.42
CA GLU A 93 -4.63 -21.07 34.42
C GLU A 93 -3.54 -21.89 33.76
N ILE A 94 -3.95 -22.87 32.95
CA ILE A 94 -3.02 -23.69 32.21
C ILE A 94 -2.52 -23.01 30.93
N GLY A 95 -3.46 -22.65 30.06
CA GLY A 95 -3.10 -22.24 28.71
C GLY A 95 -3.46 -20.84 28.27
N GLU A 96 -2.47 -20.15 27.72
CA GLU A 96 -2.68 -18.97 26.91
C GLU A 96 -2.05 -19.32 25.57
N ILE A 97 -1.00 -20.14 25.66
CA ILE A 97 -0.33 -20.73 24.51
C ILE A 97 -0.04 -22.19 24.86
N GLU A 98 0.05 -22.46 26.16
CA GLU A 98 0.50 -23.75 26.66
C GLU A 98 -0.31 -24.95 26.15
N ASN A 99 -1.62 -24.93 26.38
CA ASN A 99 -2.45 -26.07 26.03
C ASN A 99 -3.52 -25.79 24.96
N ILE A 100 -3.81 -24.52 24.72
CA ILE A 100 -4.81 -24.14 23.73
C ILE A 100 -4.30 -24.38 22.32
N GLY A 101 -3.26 -23.65 21.93
CA GLY A 101 -2.71 -23.74 20.59
C GLY A 101 -2.02 -25.06 20.31
N ARG A 102 -1.55 -25.71 21.36
CA ARG A 102 -0.85 -26.99 21.21
C ARG A 102 -1.81 -28.13 20.91
N TRP A 103 -3.03 -28.03 21.43
CA TRP A 103 -4.05 -29.05 21.17
C TRP A 103 -4.68 -28.87 19.79
N VAL A 104 -4.82 -27.61 19.38
CA VAL A 104 -5.43 -27.29 18.09
C VAL A 104 -4.62 -27.85 16.93
N ILE A 105 -3.31 -27.65 16.98
CA ILE A 105 -2.42 -28.16 15.94
C ILE A 105 -2.32 -29.69 16.00
N ALA A 106 -2.49 -30.25 17.19
CA ALA A 106 -2.43 -31.69 17.37
C ALA A 106 -3.65 -32.35 16.75
N GLU A 107 -4.82 -31.80 17.02
CA GLU A 107 -6.07 -32.34 16.50
C GLU A 107 -6.17 -32.11 15.00
N ALA A 108 -5.69 -30.95 14.55
CA ALA A 108 -5.70 -30.61 13.13
C ALA A 108 -4.83 -31.59 12.35
N CYS A 109 -3.66 -31.91 12.89
CA CYS A 109 -2.77 -32.89 12.28
C CYS A 109 -3.34 -34.29 12.43
N ARG A 110 -4.05 -34.53 13.53
CA ARG A 110 -4.71 -35.82 13.74
C ARG A 110 -5.81 -36.00 12.70
N GLN A 111 -6.52 -34.91 12.41
CA GLN A 111 -7.64 -34.95 11.48
C GLN A 111 -7.17 -35.07 10.04
N LEU A 112 -6.01 -34.50 9.74
CA LEU A 112 -5.44 -34.59 8.41
C LEU A 112 -5.09 -36.03 8.07
N ALA A 113 -4.49 -36.74 9.03
CA ALA A 113 -4.13 -38.13 8.84
C ALA A 113 -5.38 -39.01 8.78
N GLU A 114 -6.38 -38.66 9.58
CA GLU A 114 -7.64 -39.39 9.60
C GLU A 114 -8.36 -39.21 8.27
N TRP A 115 -8.22 -38.04 7.68
CA TRP A 115 -8.80 -37.77 6.37
C TRP A 115 -7.99 -38.42 5.25
N ARG A 116 -6.67 -38.41 5.40
CA ARG A 116 -5.78 -39.01 4.42
C ARG A 116 -6.01 -40.52 4.33
N SER A 117 -6.53 -41.10 5.41
CA SER A 117 -6.79 -42.53 5.46
C SER A 117 -7.76 -42.99 4.37
N GLN A 118 -8.61 -42.08 3.91
CA GLN A 118 -9.56 -42.38 2.84
C GLN A 118 -9.27 -41.57 1.58
N ASN A 119 -8.80 -40.34 1.76
CA ASN A 119 -8.46 -39.48 0.62
C ASN A 119 -7.49 -38.37 0.96
N ILE A 120 -6.45 -38.20 0.13
CA ILE A 120 -5.53 -37.08 0.32
C ILE A 120 -6.23 -35.73 0.12
N HIS A 121 -6.99 -35.61 -0.97
CA HIS A 121 -7.88 -34.46 -1.24
C HIS A 121 -7.29 -33.08 -0.99
N ILE A 122 -7.03 -32.80 0.28
CA ILE A 122 -6.73 -31.45 0.75
C ILE A 122 -5.35 -30.94 0.32
N PRO A 123 -5.33 -29.77 -0.34
CA PRO A 123 -4.09 -29.07 -0.72
C PRO A 123 -3.39 -28.50 0.51
N ALA A 124 -4.13 -27.84 1.40
CA ALA A 124 -3.54 -27.20 2.58
C ALA A 124 -4.58 -26.97 3.67
N LEU A 125 -4.08 -26.79 4.89
CA LEU A 125 -4.93 -26.47 6.04
C LEU A 125 -4.33 -25.30 6.81
N SER A 126 -5.16 -24.32 7.13
CA SER A 126 -4.71 -23.12 7.83
C SER A 126 -5.07 -23.16 9.31
N VAL A 127 -4.17 -22.62 10.13
CA VAL A 127 -4.40 -22.55 11.57
C VAL A 127 -4.15 -21.14 12.06
N ASN A 128 -5.14 -20.56 12.74
CA ASN A 128 -5.01 -19.21 13.28
C ASN A 128 -4.25 -19.22 14.60
N LEU A 129 -3.12 -18.52 14.63
CA LEU A 129 -2.31 -18.43 15.84
C LEU A 129 -2.68 -17.18 16.63
N SER A 130 -3.06 -16.13 15.90
CA SER A 130 -3.44 -14.86 16.53
C SER A 130 -4.71 -15.01 17.35
N ALA A 131 -5.67 -15.77 16.82
CA ALA A 131 -6.94 -15.98 17.49
C ALA A 131 -6.77 -16.85 18.74
N LEU A 132 -5.86 -17.82 18.66
CA LEU A 132 -5.60 -18.73 19.78
C LEU A 132 -4.70 -18.10 20.84
N HIS A 133 -4.41 -16.80 20.68
CA HIS A 133 -3.53 -16.07 21.60
C HIS A 133 -2.15 -16.71 21.72
N PHE A 134 -1.59 -17.17 20.60
CA PHE A 134 -0.28 -17.80 20.59
C PHE A 134 0.77 -16.84 21.12
N ARG A 135 0.78 -15.63 20.57
CA ARG A 135 1.62 -14.49 21.02
C ARG A 135 2.99 -14.82 21.63
N SER A 136 3.00 -15.64 22.68
CA SER A 136 4.25 -16.13 23.25
C SER A 136 5.00 -16.88 22.15
N ASN A 137 6.30 -16.63 22.07
CA ASN A 137 7.11 -17.13 20.95
C ASN A 137 8.16 -18.14 21.37
N GLN A 138 7.97 -18.76 22.53
CA GLN A 138 8.97 -19.68 23.07
C GLN A 138 8.67 -21.13 22.72
N LEU A 139 7.55 -21.37 22.06
CA LEU A 139 7.15 -22.73 21.74
C LEU A 139 6.73 -22.92 20.28
N PRO A 140 7.70 -22.95 19.36
CA PRO A 140 7.41 -23.31 17.97
C PRO A 140 7.59 -24.82 17.75
N ASN A 141 8.16 -25.48 18.76
CA ASN A 141 8.46 -26.90 18.69
C ASN A 141 7.21 -27.77 18.65
N GLN A 142 6.13 -27.28 19.25
CA GLN A 142 4.89 -28.03 19.30
C GLN A 142 4.31 -28.25 17.90
N VAL A 143 4.53 -27.28 17.01
CA VAL A 143 4.07 -27.39 15.64
C VAL A 143 4.94 -28.36 14.85
N SER A 144 6.25 -28.30 15.09
CA SER A 144 7.19 -29.19 14.42
C SER A 144 6.97 -30.63 14.86
N ASP A 145 6.81 -30.83 16.15
CA ASP A 145 6.60 -32.17 16.71
C ASP A 145 5.29 -32.76 16.23
N ALA A 146 4.30 -31.92 15.99
CA ALA A 146 3.02 -32.37 15.46
C ALA A 146 3.15 -32.84 14.02
N MET A 147 4.06 -32.19 13.28
CA MET A 147 4.34 -32.57 11.91
C MET A 147 5.15 -33.86 11.87
N HIS A 148 5.79 -34.18 13.00
CA HIS A 148 6.58 -35.39 13.11
C HIS A 148 5.70 -36.55 13.59
N ALA A 149 4.84 -36.26 14.55
CA ALA A 149 3.94 -37.28 15.10
C ALA A 149 2.96 -37.80 14.05
N TRP A 150 2.52 -36.92 13.15
CA TRP A 150 1.60 -37.32 12.10
C TRP A 150 2.27 -37.19 10.73
N GLY A 151 1.75 -37.95 9.76
CA GLY A 151 2.39 -38.10 8.47
C GLY A 151 2.63 -36.84 7.65
N ILE A 152 3.85 -36.72 7.15
CA ILE A 152 4.23 -35.68 6.19
C ILE A 152 3.95 -34.23 6.65
N ASP A 153 2.82 -33.67 6.20
CA ASP A 153 2.50 -32.25 6.42
C ASP A 153 3.59 -31.31 5.87
N GLY A 154 3.61 -30.08 6.38
CA GLY A 154 4.54 -29.08 5.91
C GLY A 154 3.86 -28.04 5.04
N HIS A 155 3.82 -28.31 3.74
CA HIS A 155 3.19 -27.40 2.79
C HIS A 155 1.68 -27.45 2.87
N GLN A 156 1.17 -28.37 3.69
CA GLN A 156 -0.27 -28.51 3.88
C GLN A 156 -0.70 -27.68 5.09
N LEU A 157 0.25 -26.98 5.69
CA LEU A 157 -0.03 -26.15 6.86
C LEU A 157 0.23 -24.67 6.60
N THR A 158 -0.55 -23.81 7.25
CA THR A 158 -0.39 -22.37 7.14
C THR A 158 -0.71 -21.70 8.46
N VAL A 159 0.17 -20.81 8.92
CA VAL A 159 -0.02 -20.12 10.19
C VAL A 159 -0.53 -18.69 9.99
N GLU A 160 -1.49 -18.29 10.81
CA GLU A 160 -2.13 -16.98 10.64
C GLU A 160 -1.91 -16.06 11.84
N ILE A 161 -1.31 -14.90 11.58
CA ILE A 161 -1.07 -13.89 12.60
C ILE A 161 -1.56 -12.53 12.13
N THR A 162 -1.81 -11.63 13.08
CA THR A 162 -2.28 -10.29 12.74
C THR A 162 -1.16 -9.26 12.81
N GLU A 163 -1.53 -7.98 12.76
CA GLU A 163 -0.55 -6.90 12.84
C GLU A 163 -0.08 -6.73 14.30
N SER A 164 -0.96 -7.10 15.22
CA SER A 164 -0.66 -7.00 16.65
C SER A 164 0.45 -7.95 17.06
N MET A 165 0.75 -8.91 16.19
CA MET A 165 1.74 -9.94 16.49
C MET A 165 2.97 -9.79 15.58
N MET A 166 2.99 -8.72 14.78
CA MET A 166 4.04 -8.49 13.80
C MET A 166 5.46 -8.62 14.36
N MET A 167 5.82 -7.73 15.28
CA MET A 167 7.18 -7.70 15.81
C MET A 167 7.24 -8.10 17.28
N GLU A 168 6.41 -7.46 18.10
CA GLU A 168 6.30 -7.77 19.53
C GLU A 168 7.58 -7.52 20.33
N HIS A 169 7.98 -6.26 20.40
CA HIS A 169 9.13 -5.80 21.20
C HIS A 169 10.40 -6.65 21.13
N ASP A 170 10.77 -7.07 19.92
CA ASP A 170 11.97 -7.86 19.69
C ASP A 170 11.95 -9.20 20.44
N THR A 171 11.11 -10.11 19.98
CA THR A 171 11.05 -11.45 20.56
C THR A 171 11.46 -12.50 19.54
N GLU A 172 12.07 -12.05 18.45
CA GLU A 172 12.55 -12.92 17.39
C GLU A 172 11.45 -13.81 16.82
N ILE A 173 10.31 -13.20 16.49
CA ILE A 173 9.19 -13.94 15.93
C ILE A 173 9.49 -14.41 14.52
N PHE A 174 9.89 -13.49 13.65
CA PHE A 174 10.20 -13.81 12.26
C PHE A 174 11.41 -14.74 12.15
N LYS A 175 12.26 -14.72 13.18
CA LYS A 175 13.42 -15.61 13.20
C LYS A 175 12.99 -17.05 13.43
N ARG A 176 11.90 -17.23 14.16
CA ARG A 176 11.36 -18.57 14.43
C ARG A 176 10.33 -18.97 13.39
N ILE A 177 9.75 -17.97 12.72
CA ILE A 177 8.85 -18.22 11.62
C ILE A 177 9.63 -18.75 10.42
N GLN A 178 10.83 -18.24 10.23
CA GLN A 178 11.72 -18.71 9.17
C GLN A 178 12.01 -20.21 9.33
N ILE A 179 12.11 -20.65 10.57
CA ILE A 179 12.32 -22.07 10.87
C ILE A 179 11.14 -22.89 10.39
N LEU A 180 9.96 -22.30 10.49
CA LEU A 180 8.73 -22.96 10.07
C LEU A 180 8.62 -22.95 8.56
N ARG A 181 9.16 -21.91 7.94
CA ARG A 181 9.15 -21.78 6.48
C ARG A 181 10.08 -22.81 5.84
N ASP A 182 11.10 -23.22 6.58
CA ASP A 182 12.02 -24.24 6.09
C ASP A 182 11.35 -25.60 6.02
N MET A 183 10.28 -25.76 6.79
CA MET A 183 9.53 -27.01 6.81
C MET A 183 8.52 -27.03 5.67
N GLY A 184 8.20 -25.85 5.15
CA GLY A 184 7.25 -25.73 4.06
C GLY A 184 5.95 -25.07 4.49
N VAL A 185 5.82 -24.83 5.79
CA VAL A 185 4.63 -24.20 6.33
C VAL A 185 4.54 -22.74 5.91
N GLY A 186 3.42 -22.38 5.30
CA GLY A 186 3.24 -21.03 4.79
C GLY A 186 2.86 -20.02 5.85
N LEU A 187 3.16 -18.75 5.60
CA LEU A 187 2.84 -17.67 6.52
C LEU A 187 1.66 -16.86 6.01
N SER A 188 0.77 -16.46 6.90
CA SER A 188 -0.40 -15.69 6.50
C SER A 188 -0.63 -14.46 7.37
N VAL A 189 -0.83 -13.32 6.73
CA VAL A 189 -1.10 -12.07 7.44
C VAL A 189 -2.60 -11.76 7.43
N ASP A 190 -3.11 -11.29 8.56
CA ASP A 190 -4.53 -11.00 8.70
C ASP A 190 -4.82 -9.49 8.70
N ASP A 191 -6.02 -9.13 8.26
CA ASP A 191 -6.50 -7.75 8.25
C ASP A 191 -5.57 -6.85 7.43
N PHE A 192 -4.95 -5.89 8.11
CA PHE A 192 -3.93 -5.02 7.51
C PHE A 192 -4.43 -4.21 6.32
N GLY A 193 -5.73 -4.01 6.23
CA GLY A 193 -6.31 -3.28 5.11
C GLY A 193 -6.09 -1.79 5.23
N LEU A 205 9.50 -9.36 3.56
CA LEU A 205 8.14 -9.85 3.37
C LEU A 205 8.13 -11.35 3.06
N PRO A 206 8.32 -12.19 4.10
CA PRO A 206 8.38 -13.64 3.91
C PRO A 206 7.01 -14.30 4.03
N VAL A 207 5.95 -13.59 3.66
CA VAL A 207 4.60 -14.12 3.75
C VAL A 207 4.23 -14.93 2.51
N THR A 208 3.22 -15.78 2.65
CA THR A 208 2.76 -16.62 1.53
C THR A 208 1.28 -16.39 1.24
N GLU A 209 0.60 -15.75 2.18
CA GLU A 209 -0.84 -15.52 2.07
C GLU A 209 -1.25 -14.22 2.75
N ILE A 210 -2.16 -13.48 2.12
CA ILE A 210 -2.71 -12.27 2.72
C ILE A 210 -4.22 -12.39 2.88
N LYS A 211 -4.70 -12.23 4.11
CA LYS A 211 -6.12 -12.33 4.39
C LYS A 211 -6.80 -10.96 4.48
N ILE A 212 -7.97 -10.84 3.87
CA ILE A 212 -8.71 -9.58 3.88
C ILE A 212 -9.89 -9.66 4.84
N ASP A 213 -9.88 -8.81 5.86
CA ASP A 213 -10.92 -8.81 6.88
C ASP A 213 -12.29 -8.52 6.27
N LYS A 214 -13.34 -8.98 6.95
CA LYS A 214 -14.70 -8.81 6.47
C LYS A 214 -15.11 -7.34 6.40
N SER A 215 -14.61 -6.56 7.35
CA SER A 215 -14.94 -5.13 7.43
C SER A 215 -14.51 -4.38 6.17
N PHE A 216 -13.41 -4.82 5.57
CA PHE A 216 -12.93 -4.21 4.34
C PHE A 216 -13.71 -4.71 3.14
N VAL A 217 -14.14 -5.97 3.19
CA VAL A 217 -14.94 -6.56 2.13
C VAL A 217 -16.30 -5.87 2.03
N ASP A 218 -16.80 -5.42 3.19
CA ASP A 218 -18.09 -4.74 3.23
C ASP A 218 -18.01 -3.34 2.63
N ARG A 219 -16.92 -2.65 2.90
CA ARG A 219 -16.77 -1.26 2.47
C ARG A 219 -16.43 -1.12 0.99
N CYS A 220 -16.04 -2.21 0.36
CA CYS A 220 -15.65 -2.18 -1.04
C CYS A 220 -16.83 -1.93 -1.97
N LEU A 221 -18.00 -2.41 -1.56
CA LEU A 221 -19.19 -2.30 -2.40
C LEU A 221 -19.73 -0.87 -2.42
N THR A 222 -19.52 -0.15 -1.31
CA THR A 222 -20.04 1.20 -1.17
C THR A 222 -18.97 2.26 -1.41
N GLU A 223 -17.73 1.94 -1.06
CA GLU A 223 -16.61 2.84 -1.27
C GLU A 223 -15.63 2.23 -2.26
N LYS A 224 -15.58 2.77 -3.47
CA LYS A 224 -14.77 2.19 -4.52
C LYS A 224 -13.28 2.48 -4.36
N ARG A 225 -12.95 3.39 -3.44
CA ARG A 225 -11.55 3.70 -3.18
C ARG A 225 -10.89 2.65 -2.30
N ILE A 226 -11.65 2.10 -1.36
CA ILE A 226 -11.16 1.01 -0.53
C ILE A 226 -11.21 -0.29 -1.34
N LEU A 227 -11.96 -0.26 -2.44
CA LEU A 227 -11.95 -1.37 -3.39
C LEU A 227 -10.66 -1.34 -4.18
N ALA A 228 -10.26 -0.14 -4.61
CA ALA A 228 -9.00 0.04 -5.32
C ALA A 228 -7.84 -0.25 -4.38
N LEU A 229 -8.06 -0.03 -3.09
CA LEU A 229 -7.06 -0.34 -2.07
C LEU A 229 -6.87 -1.84 -1.97
N LEU A 230 -7.97 -2.58 -2.12
CA LEU A 230 -7.90 -4.04 -2.16
C LEU A 230 -7.39 -4.51 -3.51
N GLU A 231 -7.64 -3.71 -4.55
CA GLU A 231 -7.14 -4.02 -5.88
C GLU A 231 -5.64 -3.79 -5.93
N ALA A 232 -5.13 -3.03 -4.96
CA ALA A 232 -3.69 -2.84 -4.82
C ALA A 232 -3.10 -4.07 -4.14
N ILE A 233 -3.81 -4.60 -3.16
CA ILE A 233 -3.37 -5.80 -2.45
C ILE A 233 -3.36 -7.00 -3.37
N THR A 234 -4.37 -7.10 -4.23
CA THR A 234 -4.47 -8.22 -5.17
C THR A 234 -3.49 -8.05 -6.32
N SER A 235 -2.93 -6.84 -6.46
CA SER A 235 -1.90 -6.58 -7.45
C SER A 235 -0.56 -7.11 -6.94
N ILE A 236 -0.35 -6.97 -5.63
CA ILE A 236 0.85 -7.48 -4.99
C ILE A 236 0.87 -9.01 -5.02
N GLY A 237 -0.28 -9.61 -4.75
CA GLY A 237 -0.39 -11.05 -4.71
C GLY A 237 -0.32 -11.71 -6.08
N GLN A 238 -0.82 -11.01 -7.10
CA GLN A 238 -0.81 -11.53 -8.46
C GLN A 238 0.58 -11.47 -9.07
N SER A 239 1.35 -10.45 -8.67
CA SER A 239 2.69 -10.26 -9.19
C SER A 239 3.71 -11.12 -8.46
N LEU A 240 3.58 -11.19 -7.15
CA LEU A 240 4.53 -11.92 -6.32
C LEU A 240 4.03 -13.33 -5.98
N ASN A 241 3.01 -13.78 -6.72
CA ASN A 241 2.44 -15.11 -6.55
C ASN A 241 2.01 -15.43 -5.11
N LEU A 242 1.46 -14.44 -4.43
CA LEU A 242 0.97 -14.61 -3.07
C LEU A 242 -0.54 -14.78 -3.06
N THR A 243 -1.02 -15.80 -2.36
CA THR A 243 -2.45 -16.10 -2.33
C THR A 243 -3.23 -15.09 -1.48
N VAL A 244 -3.95 -14.20 -2.15
CA VAL A 244 -4.81 -13.25 -1.46
C VAL A 244 -6.17 -13.88 -1.18
N VAL A 245 -6.56 -13.90 0.08
CA VAL A 245 -7.83 -14.49 0.47
C VAL A 245 -8.73 -13.45 1.14
N ALA A 246 -10.02 -13.51 0.84
CA ALA A 246 -10.96 -12.53 1.35
C ALA A 246 -11.97 -13.17 2.31
N GLU A 247 -11.97 -12.69 3.54
CA GLU A 247 -12.85 -13.23 4.58
C GLU A 247 -14.20 -12.52 4.62
N GLY A 248 -15.22 -13.25 5.06
CA GLY A 248 -16.53 -12.67 5.28
C GLY A 248 -17.28 -12.26 4.02
N VAL A 249 -17.19 -13.10 2.98
CA VAL A 249 -17.94 -12.85 1.76
C VAL A 249 -19.33 -13.46 1.86
N GLU A 250 -20.35 -12.61 1.92
CA GLU A 250 -21.72 -13.05 2.20
C GLU A 250 -22.58 -13.19 0.94
N THR A 251 -22.60 -12.15 0.11
CA THR A 251 -23.51 -12.10 -1.02
C THR A 251 -22.84 -12.38 -2.37
N LYS A 252 -23.65 -12.59 -3.39
CA LYS A 252 -23.18 -12.88 -4.74
C LYS A 252 -22.51 -11.65 -5.36
N GLU A 253 -23.10 -10.49 -5.13
CA GLU A 253 -22.64 -9.23 -5.72
C GLU A 253 -21.19 -8.90 -5.37
N GLN A 254 -20.79 -9.19 -4.15
CA GLN A 254 -19.43 -8.89 -3.70
C GLN A 254 -18.45 -9.98 -4.13
N PHE A 255 -18.99 -11.12 -4.54
CA PHE A 255 -18.17 -12.19 -5.09
C PHE A 255 -17.78 -11.87 -6.54
N GLU A 256 -18.74 -11.35 -7.29
CA GLU A 256 -18.50 -10.94 -8.68
C GLU A 256 -17.50 -9.81 -8.71
N MET A 257 -17.54 -8.96 -7.68
CA MET A 257 -16.62 -7.85 -7.54
C MET A 257 -15.18 -8.34 -7.36
N LEU A 258 -15.00 -9.28 -6.43
CA LEU A 258 -13.69 -9.86 -6.18
C LEU A 258 -13.23 -10.71 -7.35
N ARG A 259 -14.20 -11.22 -8.10
CA ARG A 259 -13.93 -12.07 -9.26
C ARG A 259 -13.26 -11.29 -10.38
N LYS A 260 -13.69 -10.05 -10.60
CA LYS A 260 -13.17 -9.25 -11.70
C LYS A 260 -11.93 -8.43 -11.33
N ILE A 261 -11.65 -8.30 -10.04
CA ILE A 261 -10.43 -7.65 -9.60
C ILE A 261 -9.36 -8.70 -9.36
N HIS A 262 -9.70 -9.95 -9.70
CA HIS A 262 -8.78 -11.08 -9.61
C HIS A 262 -8.32 -11.38 -8.18
N CYS A 263 -9.26 -11.59 -7.28
CA CYS A 263 -8.94 -12.11 -5.96
C CYS A 263 -8.95 -13.63 -6.03
N ARG A 264 -7.82 -14.24 -5.65
CA ARG A 264 -7.62 -15.68 -5.84
C ARG A 264 -8.66 -16.55 -5.15
N VAL A 265 -8.71 -16.48 -3.82
CA VAL A 265 -9.56 -17.38 -3.04
C VAL A 265 -10.58 -16.64 -2.18
N ILE A 266 -11.77 -17.21 -2.04
CA ILE A 266 -12.84 -16.61 -1.26
C ILE A 266 -13.21 -17.48 -0.05
N GLN A 267 -13.24 -16.85 1.13
CA GLN A 267 -13.68 -17.52 2.34
C GLN A 267 -14.83 -16.77 2.98
N GLY A 268 -15.97 -17.44 3.14
CA GLY A 268 -17.13 -16.80 3.75
C GLY A 268 -18.42 -17.58 3.61
N TYR A 269 -19.53 -16.94 3.95
CA TYR A 269 -20.84 -17.58 3.94
C TYR A 269 -21.35 -17.85 2.52
N PHE A 270 -20.78 -17.15 1.54
CA PHE A 270 -21.21 -17.32 0.16
C PHE A 270 -21.01 -18.75 -0.33
N PHE A 271 -19.97 -19.41 0.16
CA PHE A 271 -19.70 -20.79 -0.19
C PHE A 271 -20.14 -21.74 0.92
N SER A 272 -19.58 -21.57 2.11
CA SER A 272 -19.94 -22.40 3.26
C SER A 272 -19.49 -21.81 4.59
N ARG A 273 -20.31 -22.04 5.62
CA ARG A 273 -19.96 -21.68 6.99
C ARG A 273 -18.90 -22.65 7.49
N PRO A 274 -18.27 -22.35 8.64
CA PRO A 274 -17.37 -23.32 9.26
C PRO A 274 -18.08 -24.65 9.53
N LEU A 275 -17.54 -25.74 9.00
CA LEU A 275 -18.17 -27.06 9.12
C LEU A 275 -17.36 -27.99 10.02
N PRO A 276 -18.06 -28.89 10.74
CA PRO A 276 -17.39 -29.89 11.56
C PRO A 276 -16.63 -30.91 10.72
N ALA A 277 -15.72 -31.63 11.34
CA ALA A 277 -14.82 -32.53 10.63
C ALA A 277 -15.51 -33.74 9.99
N GLU A 278 -16.64 -34.14 10.56
CA GLU A 278 -17.31 -35.37 10.12
C GLU A 278 -18.05 -35.24 8.79
N GLU A 279 -18.41 -34.01 8.42
CA GLU A 279 -19.19 -33.79 7.21
C GLU A 279 -18.46 -32.96 6.17
N ILE A 280 -17.14 -32.80 6.36
CA ILE A 280 -16.29 -32.13 5.38
C ILE A 280 -16.09 -32.93 4.08
N PRO A 281 -15.72 -34.22 4.17
CA PRO A 281 -15.49 -34.96 2.92
C PRO A 281 -16.77 -35.11 2.09
N GLY A 282 -17.91 -35.23 2.76
CA GLY A 282 -19.19 -35.32 2.08
C GLY A 282 -19.55 -34.02 1.39
N TRP A 283 -19.18 -32.91 2.02
CA TRP A 283 -19.45 -31.58 1.46
C TRP A 283 -18.63 -31.36 0.19
N MET A 284 -17.42 -31.90 0.18
CA MET A 284 -16.55 -31.82 -0.98
C MET A 284 -16.99 -32.80 -2.05
N SER A 285 -17.58 -33.91 -1.62
CA SER A 285 -18.06 -34.93 -2.54
C SER A 285 -19.37 -34.49 -3.17
N SER A 286 -20.20 -33.79 -2.39
CA SER A 286 -21.49 -33.33 -2.87
C SER A 286 -21.37 -32.10 -3.76
N VAL A 287 -21.10 -30.96 -3.16
CA VAL A 287 -21.05 -29.70 -3.90
C VAL A 287 -19.63 -29.11 -4.00
N LEU A 288 -18.91 -29.51 -5.05
CA LEU A 288 -17.57 -29.02 -5.32
C LEU A 288 -17.14 -29.50 -6.71
N PRO A 289 -16.80 -28.55 -7.60
CA PRO A 289 -16.77 -27.10 -7.38
C PRO A 289 -18.16 -26.47 -7.37
N LEU A 290 -18.24 -25.22 -6.95
CA LEU A 290 -19.51 -24.52 -6.81
C LEU A 290 -19.77 -23.54 -7.94
N LYS A 291 -19.02 -23.69 -9.04
CA LYS A 291 -19.20 -22.82 -10.19
C LYS A 291 -20.49 -23.15 -10.92
N ARG B 34 29.29 30.87 4.11
CA ARG B 34 27.84 30.80 4.26
C ARG B 34 27.24 32.19 4.28
N LEU B 35 27.85 33.09 5.04
CA LEU B 35 27.40 34.48 5.14
C LEU B 35 27.74 35.24 3.87
N VAL B 36 28.75 34.77 3.15
CA VAL B 36 29.16 35.38 1.89
C VAL B 36 28.07 35.16 0.84
N LEU B 37 27.60 33.92 0.72
CA LEU B 37 26.49 33.62 -0.18
C LEU B 37 25.18 34.03 0.46
N GLY B 38 25.20 34.15 1.79
CA GLY B 38 24.02 34.59 2.53
C GLY B 38 23.65 36.01 2.17
N ALA B 39 24.67 36.86 1.97
CA ALA B 39 24.46 38.22 1.53
C ALA B 39 24.16 38.24 0.04
N ALA B 40 24.59 37.18 -0.63
CA ALA B 40 24.43 37.06 -2.08
C ALA B 40 23.05 36.54 -2.43
N LEU B 41 22.58 35.56 -1.67
CA LEU B 41 21.25 35.01 -1.87
C LEU B 41 20.19 35.99 -1.36
N LYS B 42 20.60 36.87 -0.46
CA LYS B 42 19.71 37.86 0.11
C LYS B 42 19.12 38.77 -0.95
N GLU B 43 19.97 39.22 -1.87
CA GLU B 43 19.51 40.05 -2.98
C GLU B 43 19.46 39.27 -4.29
N ALA B 44 18.81 38.11 -4.25
CA ALA B 44 18.62 37.31 -5.46
C ALA B 44 17.42 37.85 -6.23
N ILE B 45 16.49 38.45 -5.51
CA ILE B 45 15.31 39.06 -6.11
C ILE B 45 15.63 40.46 -6.60
N SER B 46 16.44 41.18 -5.83
CA SER B 46 16.74 42.57 -6.12
C SER B 46 17.89 42.76 -7.11
N ASN B 47 18.50 41.67 -7.55
CA ASN B 47 19.62 41.75 -8.50
C ASN B 47 19.57 40.74 -9.64
N ASN B 48 18.37 40.22 -9.92
CA ASN B 48 18.14 39.31 -11.04
C ASN B 48 19.07 38.09 -11.04
N GLN B 49 18.94 37.25 -10.03
CA GLN B 49 19.80 36.08 -9.90
C GLN B 49 19.03 34.79 -9.64
N LEU B 50 17.73 34.93 -9.36
CA LEU B 50 16.88 33.76 -9.17
C LEU B 50 16.12 33.46 -10.46
N LYS B 51 16.13 32.19 -10.87
CA LYS B 51 15.53 31.80 -12.14
C LYS B 51 14.91 30.41 -12.07
N LEU B 52 13.85 30.20 -12.85
CA LEU B 52 13.14 28.93 -12.87
C LEU B 52 13.50 28.13 -14.13
N VAL B 53 13.82 26.86 -13.92
CA VAL B 53 14.10 25.96 -15.03
C VAL B 53 12.92 25.00 -15.20
N TYR B 54 12.67 24.55 -16.42
CA TYR B 54 11.46 23.80 -16.71
C TYR B 54 11.71 22.39 -17.25
N GLN B 55 11.18 21.41 -16.53
CA GLN B 55 11.31 20.01 -16.94
C GLN B 55 9.96 19.45 -17.37
N PRO B 56 9.86 19.00 -18.63
CA PRO B 56 8.61 18.51 -19.23
C PRO B 56 8.18 17.13 -18.70
N GLN B 57 6.88 16.98 -18.45
CA GLN B 57 6.31 15.69 -18.05
C GLN B 57 5.50 15.12 -19.21
N ILE B 58 5.88 13.94 -19.68
CA ILE B 58 5.29 13.36 -20.88
C ILE B 58 4.58 12.03 -20.63
N PHE B 59 3.35 11.91 -21.12
CA PHE B 59 2.59 10.67 -21.04
C PHE B 59 3.37 9.54 -21.71
N ALA B 60 3.37 8.37 -21.07
CA ALA B 60 4.12 7.23 -21.59
C ALA B 60 3.54 6.69 -22.90
N GLU B 61 2.21 6.60 -22.95
CA GLU B 61 1.53 5.96 -24.08
C GLU B 61 1.37 6.87 -25.29
N THR B 62 0.90 8.10 -25.07
CA THR B 62 0.66 9.03 -26.16
C THR B 62 1.93 9.74 -26.60
N GLY B 63 2.75 10.14 -25.62
CA GLY B 63 3.98 10.85 -25.91
C GLY B 63 3.79 12.35 -25.95
N GLU B 64 2.66 12.81 -25.43
CA GLU B 64 2.34 14.22 -25.40
C GLU B 64 2.60 14.80 -24.00
N LEU B 65 2.78 16.11 -23.92
CA LEU B 65 3.08 16.77 -22.65
C LEU B 65 1.91 16.68 -21.67
N TYR B 66 2.20 16.23 -20.44
CA TYR B 66 1.22 16.19 -19.38
C TYR B 66 1.28 17.48 -18.56
N GLY B 67 2.49 17.84 -18.13
CA GLY B 67 2.71 19.04 -17.36
C GLY B 67 4.18 19.44 -17.37
N ILE B 68 4.51 20.48 -16.63
CA ILE B 68 5.89 20.94 -16.53
C ILE B 68 6.23 21.22 -15.07
N GLU B 69 7.36 20.69 -14.61
CA GLU B 69 7.82 20.97 -13.25
C GLU B 69 8.86 22.09 -13.24
N ALA B 70 8.57 23.14 -12.49
CA ALA B 70 9.48 24.29 -12.39
C ALA B 70 10.53 24.06 -11.32
N LEU B 71 11.79 24.21 -11.70
CA LEU B 71 12.91 24.03 -10.78
C LEU B 71 13.74 25.31 -10.69
N ALA B 72 13.96 25.77 -9.46
CA ALA B 72 14.67 27.04 -9.25
C ALA B 72 16.18 26.85 -9.13
N ARG B 73 16.92 27.73 -9.80
CA ARG B 73 18.38 27.73 -9.74
C ARG B 73 18.92 29.15 -9.66
N TRP B 74 20.09 29.30 -9.01
CA TRP B 74 20.66 30.61 -8.75
C TRP B 74 22.15 30.66 -9.11
N HIS B 75 22.51 31.63 -9.95
CA HIS B 75 23.89 31.82 -10.40
C HIS B 75 24.24 33.27 -10.69
N ASP B 76 25.31 33.73 -10.05
CA ASP B 76 26.02 34.97 -10.43
C ASP B 76 27.24 35.28 -9.52
N PRO B 77 27.00 35.37 -8.19
CA PRO B 77 28.11 35.81 -7.34
C PRO B 77 29.15 34.73 -7.04
N LEU B 78 28.70 33.56 -6.57
CA LEU B 78 29.62 32.50 -6.14
C LEU B 78 29.32 31.12 -6.71
N HIS B 79 30.37 30.34 -6.89
CA HIS B 79 30.27 28.92 -7.24
C HIS B 79 29.49 28.64 -8.52
N GLY B 80 29.42 29.63 -9.40
CA GLY B 80 28.65 29.53 -10.62
C GLY B 80 27.19 29.26 -10.32
N HIS B 81 26.65 28.18 -10.89
CA HIS B 81 25.28 27.79 -10.64
C HIS B 81 25.16 26.97 -9.37
N VAL B 82 24.40 27.49 -8.41
CA VAL B 82 24.18 26.79 -7.16
C VAL B 82 22.79 26.15 -7.15
N PRO B 83 22.75 24.81 -7.21
CA PRO B 83 21.50 24.05 -7.22
C PRO B 83 20.67 24.33 -5.96
N PRO B 84 19.35 24.09 -6.01
CA PRO B 84 18.45 24.37 -4.90
C PRO B 84 18.89 23.74 -3.58
N SER B 85 19.31 22.47 -3.62
CA SER B 85 19.63 21.72 -2.40
C SER B 85 20.74 22.34 -1.55
N ARG B 86 21.41 23.36 -2.07
CA ARG B 86 22.52 23.99 -1.35
C ARG B 86 22.16 25.35 -0.75
N PHE B 87 21.29 26.11 -1.41
CA PHE B 87 20.94 27.43 -0.90
C PHE B 87 19.64 27.46 -0.09
N ILE B 88 18.80 26.44 -0.26
CA ILE B 88 17.59 26.33 0.56
C ILE B 88 17.84 25.97 2.04
N PRO B 89 18.93 25.26 2.35
CA PRO B 89 19.22 25.18 3.79
C PRO B 89 19.82 26.49 4.29
N LEU B 90 20.56 27.17 3.41
CA LEU B 90 21.19 28.43 3.75
C LEU B 90 20.18 29.57 3.78
N ALA B 91 18.94 29.25 3.39
CA ALA B 91 17.86 30.22 3.44
C ALA B 91 17.30 30.32 4.85
N GLU B 92 17.48 31.48 5.48
CA GLU B 92 17.01 31.68 6.85
C GLU B 92 16.40 33.06 7.07
N GLU B 93 17.21 34.10 6.88
CA GLU B 93 16.76 35.47 7.09
C GLU B 93 15.65 35.87 6.11
N ILE B 94 15.82 35.52 4.85
CA ILE B 94 14.80 35.75 3.84
C ILE B 94 13.56 34.94 4.20
N GLY B 95 13.79 33.82 4.87
CA GLY B 95 12.72 32.92 5.24
C GLY B 95 12.86 31.62 4.47
N GLU B 96 12.56 30.50 5.14
CA GLU B 96 12.64 29.20 4.50
C GLU B 96 11.74 29.14 3.27
N ILE B 97 10.52 29.65 3.42
CA ILE B 97 9.59 29.75 2.31
C ILE B 97 9.28 31.23 2.02
N GLU B 98 9.48 32.07 3.02
CA GLU B 98 9.15 33.49 2.93
C GLU B 98 9.90 34.16 1.79
N ASN B 99 9.13 34.79 0.90
CA ASN B 99 9.68 35.53 -0.25
C ASN B 99 10.48 34.68 -1.25
N ILE B 100 10.60 33.39 -0.98
CA ILE B 100 11.25 32.47 -1.91
C ILE B 100 10.20 31.73 -2.72
N GLY B 101 9.28 31.08 -2.01
CA GLY B 101 8.17 30.41 -2.66
C GLY B 101 7.23 31.42 -3.28
N ARG B 102 7.21 32.62 -2.71
CA ARG B 102 6.40 33.71 -3.23
C ARG B 102 6.82 34.07 -4.64
N TRP B 103 8.13 34.21 -4.84
CA TRP B 103 8.69 34.59 -6.12
C TRP B 103 8.48 33.51 -7.18
N VAL B 104 8.71 32.26 -6.80
CA VAL B 104 8.55 31.13 -7.70
C VAL B 104 7.12 31.02 -8.21
N ILE B 105 6.16 31.14 -7.30
CA ILE B 105 4.76 31.12 -7.68
C ILE B 105 4.44 32.30 -8.59
N ALA B 106 4.98 33.47 -8.24
CA ALA B 106 4.78 34.67 -9.04
C ALA B 106 5.44 34.52 -10.41
N GLU B 107 6.64 33.96 -10.43
CA GLU B 107 7.37 33.77 -11.68
C GLU B 107 6.70 32.72 -12.56
N ALA B 108 6.18 31.67 -11.93
CA ALA B 108 5.52 30.59 -12.64
C ALA B 108 4.28 31.10 -13.38
N CYS B 109 3.43 31.84 -12.67
CA CYS B 109 2.22 32.40 -13.25
C CYS B 109 2.57 33.43 -14.32
N ARG B 110 3.65 34.17 -14.10
CA ARG B 110 4.08 35.19 -15.04
C ARG B 110 4.57 34.56 -16.33
N GLN B 111 5.35 33.48 -16.18
CA GLN B 111 5.91 32.78 -17.33
C GLN B 111 4.81 32.08 -18.13
N LEU B 112 3.78 31.63 -17.43
CA LEU B 112 2.62 31.03 -18.10
C LEU B 112 1.92 32.06 -18.97
N ALA B 113 1.84 33.29 -18.47
CA ALA B 113 1.22 34.38 -19.21
C ALA B 113 2.10 34.79 -20.40
N GLU B 114 3.41 34.59 -20.25
CA GLU B 114 4.35 34.90 -21.32
C GLU B 114 4.25 33.85 -22.42
N TRP B 115 3.84 32.65 -22.04
CA TRP B 115 3.68 31.56 -23.00
C TRP B 115 2.26 31.51 -23.55
N ARG B 116 1.32 32.07 -22.79
CA ARG B 116 -0.09 32.07 -23.19
C ARG B 116 -0.34 33.06 -24.34
N SER B 117 0.57 34.01 -24.49
CA SER B 117 0.43 35.06 -25.51
C SER B 117 0.28 34.54 -26.92
N GLN B 118 0.71 33.30 -27.15
CA GLN B 118 0.58 32.68 -28.46
C GLN B 118 -0.67 31.79 -28.51
N ASN B 119 -0.76 30.86 -27.56
CA ASN B 119 -1.87 29.91 -27.51
C ASN B 119 -2.15 29.49 -26.06
N ILE B 120 -3.17 28.65 -25.86
CA ILE B 120 -3.48 28.12 -24.53
C ILE B 120 -2.27 27.34 -23.98
N HIS B 121 -1.54 26.70 -24.89
CA HIS B 121 -0.21 26.18 -24.61
C HIS B 121 -0.14 25.13 -23.49
N ILE B 122 0.37 25.55 -22.34
CA ILE B 122 0.69 24.65 -21.24
C ILE B 122 -0.53 24.00 -20.60
N PRO B 123 -0.54 22.67 -20.55
CA PRO B 123 -1.60 21.92 -19.87
C PRO B 123 -1.57 22.19 -18.37
N ALA B 124 -0.41 22.02 -17.76
CA ALA B 124 -0.24 22.26 -16.33
C ALA B 124 1.22 22.57 -15.99
N LEU B 125 1.41 23.35 -14.93
CA LEU B 125 2.75 23.69 -14.46
C LEU B 125 2.85 23.39 -12.96
N SER B 126 3.78 22.52 -12.60
CA SER B 126 3.94 22.12 -11.22
C SER B 126 4.97 22.98 -10.49
N VAL B 127 4.69 23.30 -9.23
CA VAL B 127 5.60 24.08 -8.40
C VAL B 127 5.91 23.37 -7.09
N ASN B 128 7.20 23.22 -6.80
CA ASN B 128 7.64 22.52 -5.59
C ASN B 128 7.61 23.41 -4.35
N LEU B 129 6.70 23.09 -3.43
CA LEU B 129 6.62 23.81 -2.17
C LEU B 129 7.48 23.11 -1.12
N SER B 130 7.73 21.83 -1.34
CA SER B 130 8.55 21.03 -0.45
C SER B 130 10.02 21.43 -0.53
N ALA B 131 10.52 21.56 -1.75
CA ALA B 131 11.91 21.94 -1.98
C ALA B 131 12.17 23.37 -1.53
N LEU B 132 11.11 24.17 -1.45
CA LEU B 132 11.23 25.56 -1.01
C LEU B 132 10.90 25.71 0.46
N HIS B 133 10.92 24.59 1.19
CA HIS B 133 10.68 24.58 2.63
C HIS B 133 9.35 25.21 3.04
N PHE B 134 8.24 24.60 2.62
CA PHE B 134 6.92 25.09 2.99
C PHE B 134 6.75 25.04 4.50
N ARG B 135 6.95 26.19 5.16
CA ARG B 135 6.81 26.27 6.61
C ARG B 135 5.66 27.21 6.97
N SER B 136 5.59 28.35 6.30
CA SER B 136 4.52 29.31 6.54
C SER B 136 3.27 28.95 5.74
N ASN B 137 2.17 28.73 6.46
CA ASN B 137 0.91 28.40 5.81
C ASN B 137 0.01 29.63 5.70
N GLN B 138 0.63 30.80 5.83
CA GLN B 138 -0.09 32.06 5.76
C GLN B 138 -0.09 32.62 4.34
N LEU B 139 0.23 31.77 3.38
CA LEU B 139 0.30 32.21 1.99
C LEU B 139 -0.49 31.38 0.96
N PRO B 140 -1.76 31.06 1.23
CA PRO B 140 -2.52 30.51 0.10
C PRO B 140 -3.09 31.64 -0.73
N ASN B 141 -3.07 32.84 -0.17
CA ASN B 141 -3.58 34.03 -0.83
C ASN B 141 -2.51 34.65 -1.74
N GLN B 142 -1.25 34.43 -1.40
CA GLN B 142 -0.14 34.89 -2.22
C GLN B 142 -0.19 34.18 -3.57
N VAL B 143 -0.61 32.93 -3.54
CA VAL B 143 -0.78 32.14 -4.75
C VAL B 143 -1.93 32.71 -5.57
N SER B 144 -3.01 33.05 -4.89
CA SER B 144 -4.19 33.61 -5.54
C SER B 144 -3.92 35.02 -6.03
N ASP B 145 -3.01 35.72 -5.36
CA ASP B 145 -2.61 37.05 -5.77
C ASP B 145 -1.95 37.00 -7.14
N ALA B 146 -1.17 35.95 -7.36
CA ALA B 146 -0.50 35.73 -8.63
C ALA B 146 -1.50 35.33 -9.71
N MET B 147 -2.55 34.63 -9.30
CA MET B 147 -3.56 34.16 -10.23
C MET B 147 -4.46 35.29 -10.72
N HIS B 148 -4.43 36.41 -10.00
CA HIS B 148 -5.23 37.57 -10.39
C HIS B 148 -4.35 38.63 -11.05
N ALA B 149 -3.10 38.73 -10.61
CA ALA B 149 -2.14 39.64 -11.21
C ALA B 149 -1.85 39.22 -12.64
N TRP B 150 -1.76 37.91 -12.86
CA TRP B 150 -1.62 37.36 -14.19
C TRP B 150 -2.84 36.52 -14.55
N GLY B 151 -3.32 36.67 -15.77
CA GLY B 151 -4.61 36.18 -16.20
C GLY B 151 -4.99 34.74 -15.87
N ILE B 152 -6.27 34.56 -15.54
CA ILE B 152 -6.87 33.23 -15.31
C ILE B 152 -6.17 32.39 -14.23
N ASP B 153 -5.38 31.41 -14.68
CA ASP B 153 -4.71 30.44 -13.80
C ASP B 153 -5.69 29.60 -12.97
N GLY B 154 -5.15 28.72 -12.14
CA GLY B 154 -5.97 27.89 -11.27
C GLY B 154 -5.77 26.40 -11.47
N HIS B 155 -6.41 25.85 -12.50
CA HIS B 155 -6.30 24.44 -12.81
C HIS B 155 -5.02 24.15 -13.59
N GLN B 156 -4.36 25.20 -14.04
CA GLN B 156 -3.11 25.07 -14.79
C GLN B 156 -1.93 25.02 -13.83
N LEU B 157 -2.21 25.19 -12.55
CA LEU B 157 -1.18 25.16 -11.52
C LEU B 157 -1.24 23.87 -10.72
N THR B 158 -0.08 23.39 -10.28
CA THR B 158 0.00 22.22 -9.43
C THR B 158 1.09 22.43 -8.39
N VAL B 159 0.78 22.14 -7.12
CA VAL B 159 1.75 22.30 -6.06
C VAL B 159 2.32 20.96 -5.61
N GLU B 160 3.64 20.87 -5.56
CA GLU B 160 4.31 19.64 -5.16
C GLU B 160 4.64 19.65 -3.67
N ILE B 161 4.13 18.66 -2.95
CA ILE B 161 4.28 18.60 -1.51
C ILE B 161 4.76 17.22 -1.06
N THR B 162 5.81 17.20 -0.27
CA THR B 162 6.46 15.94 0.11
C THR B 162 5.63 15.11 1.09
N GLU B 163 6.16 13.93 1.41
CA GLU B 163 5.52 13.02 2.35
C GLU B 163 5.53 13.60 3.77
N SER B 164 6.57 14.38 4.07
CA SER B 164 6.79 14.88 5.42
C SER B 164 5.72 15.86 5.91
N MET B 165 4.91 16.39 4.99
CA MET B 165 3.86 17.32 5.39
C MET B 165 2.73 16.59 6.12
N MET B 166 2.46 15.36 5.69
CA MET B 166 1.58 14.43 6.40
C MET B 166 0.31 15.06 6.98
N MET B 167 0.14 14.89 8.29
CA MET B 167 -1.03 15.42 9.00
C MET B 167 -0.78 15.42 10.51
N GLU B 168 0.44 15.78 10.90
CA GLU B 168 0.93 15.60 12.26
C GLU B 168 0.44 16.63 13.29
N HIS B 169 0.46 17.91 12.90
CA HIS B 169 0.24 19.01 13.84
C HIS B 169 -1.15 19.05 14.49
N ASP B 170 -2.14 18.50 13.81
CA ASP B 170 -3.54 18.66 14.18
C ASP B 170 -3.94 20.14 14.14
N THR B 171 -3.25 20.91 13.30
CA THR B 171 -3.55 22.32 13.13
C THR B 171 -4.22 22.55 11.79
N GLU B 172 -5.06 21.60 11.39
CA GLU B 172 -5.77 21.65 10.11
C GLU B 172 -4.79 21.78 8.95
N ILE B 173 -3.84 20.87 8.87
CA ILE B 173 -2.81 20.91 7.84
C ILE B 173 -3.39 20.72 6.44
N PHE B 174 -4.08 19.60 6.23
CA PHE B 174 -4.69 19.30 4.95
C PHE B 174 -5.93 20.16 4.69
N LYS B 175 -6.43 20.79 5.74
CA LYS B 175 -7.58 21.69 5.61
C LYS B 175 -7.15 23.03 5.01
N ARG B 176 -5.89 23.39 5.24
CA ARG B 176 -5.32 24.59 4.63
C ARG B 176 -5.01 24.31 3.16
N ILE B 177 -4.76 23.04 2.85
CA ILE B 177 -4.55 22.61 1.48
C ILE B 177 -5.86 22.69 0.71
N GLN B 178 -6.96 22.44 1.41
CA GLN B 178 -8.29 22.48 0.82
C GLN B 178 -8.60 23.84 0.20
N ILE B 179 -8.07 24.90 0.81
CA ILE B 179 -8.25 26.26 0.31
C ILE B 179 -7.65 26.38 -1.08
N LEU B 180 -6.42 25.92 -1.23
CA LEU B 180 -5.73 25.96 -2.51
C LEU B 180 -6.31 24.91 -3.45
N ARG B 181 -6.75 23.80 -2.88
CA ARG B 181 -7.30 22.70 -3.65
C ARG B 181 -8.65 23.07 -4.29
N ASP B 182 -9.49 23.75 -3.52
CA ASP B 182 -10.79 24.19 -4.02
C ASP B 182 -10.66 25.38 -4.97
N MET B 183 -9.44 25.88 -5.10
CA MET B 183 -9.16 26.99 -6.00
C MET B 183 -8.91 26.47 -7.41
N GLY B 184 -8.90 25.14 -7.55
CA GLY B 184 -8.67 24.50 -8.83
C GLY B 184 -7.26 23.96 -8.93
N VAL B 185 -6.39 24.42 -8.03
CA VAL B 185 -4.99 24.01 -8.02
C VAL B 185 -4.85 22.55 -7.59
N GLY B 186 -4.15 21.77 -8.40
CA GLY B 186 -3.93 20.37 -8.11
C GLY B 186 -2.86 20.15 -7.06
N LEU B 187 -2.98 19.07 -6.32
CA LEU B 187 -1.99 18.71 -5.30
C LEU B 187 -1.14 17.54 -5.79
N SER B 188 0.16 17.58 -5.50
CA SER B 188 1.06 16.52 -5.92
C SER B 188 1.96 16.06 -4.77
N VAL B 189 1.90 14.77 -4.46
CA VAL B 189 2.70 14.20 -3.38
C VAL B 189 3.87 13.39 -3.90
N ASP B 190 5.08 13.77 -3.51
CA ASP B 190 6.29 13.06 -3.94
C ASP B 190 7.03 12.42 -2.78
N ASP B 191 7.67 11.29 -3.06
CA ASP B 191 8.51 10.56 -2.11
C ASP B 191 7.73 9.86 -0.99
N PHE B 192 8.32 8.77 -0.49
CA PHE B 192 7.78 8.06 0.68
C PHE B 192 8.93 7.30 1.33
N GLY B 193 9.23 7.64 2.58
CA GLY B 193 10.32 7.03 3.30
C GLY B 193 10.10 5.55 3.56
N LEU B 205 -6.74 11.64 1.40
CA LEU B 205 -5.84 12.01 0.33
C LEU B 205 -6.53 12.83 -0.75
N PRO B 206 -6.65 14.15 -0.54
CA PRO B 206 -7.23 15.06 -1.53
C PRO B 206 -6.21 15.40 -2.62
N VAL B 207 -5.39 14.42 -2.98
CA VAL B 207 -4.30 14.61 -3.92
C VAL B 207 -4.74 14.28 -5.33
N THR B 208 -4.15 14.96 -6.32
CA THR B 208 -4.49 14.74 -7.71
C THR B 208 -3.39 14.01 -8.45
N GLU B 209 -2.19 14.05 -7.90
CA GLU B 209 -1.03 13.47 -8.57
C GLU B 209 -0.05 12.87 -7.56
N ILE B 210 0.46 11.68 -7.88
CA ILE B 210 1.44 11.02 -7.04
C ILE B 210 2.74 10.84 -7.79
N LYS B 211 3.83 11.33 -7.20
CA LYS B 211 5.15 11.23 -7.85
C LYS B 211 6.03 10.18 -7.19
N ILE B 212 6.81 9.48 -8.00
CA ILE B 212 7.71 8.45 -7.51
C ILE B 212 9.16 8.88 -7.71
N ASP B 213 9.92 8.93 -6.62
CA ASP B 213 11.31 9.36 -6.65
C ASP B 213 12.17 8.49 -7.56
N LYS B 214 13.28 9.04 -8.02
CA LYS B 214 14.22 8.31 -8.87
C LYS B 214 14.79 7.10 -8.15
N SER B 215 14.90 7.20 -6.83
CA SER B 215 15.46 6.14 -6.00
C SER B 215 14.66 4.84 -6.11
N PHE B 216 13.35 4.97 -6.37
CA PHE B 216 12.49 3.80 -6.49
C PHE B 216 12.51 3.22 -7.89
N VAL B 217 12.49 4.09 -8.89
CA VAL B 217 12.43 3.66 -10.29
C VAL B 217 13.62 2.79 -10.69
N ASP B 218 14.81 3.20 -10.28
CA ASP B 218 16.04 2.49 -10.65
C ASP B 218 16.12 1.13 -9.95
N ARG B 219 15.55 1.04 -8.76
CA ARG B 219 15.65 -0.16 -7.95
C ARG B 219 14.62 -1.22 -8.35
N CYS B 220 13.65 -0.81 -9.18
CA CYS B 220 12.59 -1.71 -9.62
C CYS B 220 13.09 -2.76 -10.61
N LEU B 221 14.11 -2.41 -11.38
CA LEU B 221 14.63 -3.30 -12.41
C LEU B 221 15.24 -4.57 -11.82
N THR B 222 15.95 -4.42 -10.71
CA THR B 222 16.66 -5.53 -10.10
C THR B 222 15.83 -6.21 -9.01
N GLU B 223 14.89 -5.47 -8.45
CA GLU B 223 14.03 -6.01 -7.40
C GLU B 223 12.58 -6.10 -7.87
N LYS B 224 12.10 -7.33 -8.01
CA LYS B 224 10.76 -7.58 -8.53
C LYS B 224 9.70 -7.41 -7.44
N ARG B 225 10.14 -7.31 -6.19
CA ARG B 225 9.23 -7.13 -5.07
C ARG B 225 8.68 -5.70 -5.01
N ILE B 226 9.57 -4.73 -5.17
CA ILE B 226 9.16 -3.33 -5.11
C ILE B 226 8.54 -2.87 -6.42
N LEU B 227 8.79 -3.62 -7.49
CA LEU B 227 8.16 -3.37 -8.78
C LEU B 227 6.66 -3.61 -8.65
N ALA B 228 6.31 -4.67 -7.92
CA ALA B 228 4.92 -4.97 -7.62
C ALA B 228 4.35 -3.91 -6.69
N LEU B 229 5.20 -3.33 -5.87
CA LEU B 229 4.80 -2.29 -4.93
C LEU B 229 4.50 -1.00 -5.68
N LEU B 230 5.19 -0.80 -6.80
CA LEU B 230 4.92 0.34 -7.66
C LEU B 230 3.82 0.03 -8.67
N GLU B 231 3.57 -1.27 -8.88
CA GLU B 231 2.46 -1.69 -9.73
C GLU B 231 1.15 -1.54 -8.97
N ALA B 232 1.24 -1.54 -7.64
CA ALA B 232 0.07 -1.38 -6.80
C ALA B 232 -0.43 0.05 -6.83
N ILE B 233 0.48 1.00 -6.64
CA ILE B 233 0.12 2.42 -6.60
C ILE B 233 -0.26 2.93 -7.99
N THR B 234 0.19 2.24 -9.03
CA THR B 234 -0.16 2.61 -10.38
C THR B 234 -1.46 1.94 -10.80
N SER B 235 -1.89 0.95 -10.03
CA SER B 235 -3.16 0.28 -10.26
C SER B 235 -4.29 1.09 -9.63
N ILE B 236 -4.00 1.68 -8.48
CA ILE B 236 -4.95 2.54 -7.79
C ILE B 236 -5.28 3.77 -8.62
N GLY B 237 -4.25 4.52 -8.99
CA GLY B 237 -4.40 5.73 -9.75
C GLY B 237 -5.02 5.53 -11.12
N GLN B 238 -4.78 4.36 -11.72
CA GLN B 238 -5.30 4.06 -13.04
C GLN B 238 -6.79 3.73 -12.98
N SER B 239 -7.25 3.23 -11.84
CA SER B 239 -8.64 2.86 -11.67
C SER B 239 -9.52 4.08 -11.40
N LEU B 240 -9.11 4.91 -10.44
CA LEU B 240 -9.90 6.08 -10.07
C LEU B 240 -9.30 7.39 -10.56
N ASN B 241 -8.59 7.31 -11.67
CA ASN B 241 -8.06 8.49 -12.37
C ASN B 241 -7.20 9.42 -11.52
N LEU B 242 -6.14 8.87 -10.94
CA LEU B 242 -5.14 9.68 -10.25
C LEU B 242 -3.79 9.56 -10.98
N THR B 243 -3.28 10.70 -11.43
CA THR B 243 -2.07 10.72 -12.25
C THR B 243 -0.83 10.26 -11.50
N VAL B 244 -0.21 9.20 -12.02
CA VAL B 244 1.04 8.67 -11.47
C VAL B 244 2.22 9.14 -12.31
N VAL B 245 3.16 9.83 -11.67
CA VAL B 245 4.33 10.34 -12.36
C VAL B 245 5.59 9.67 -11.83
N ALA B 246 6.47 9.26 -12.75
CA ALA B 246 7.73 8.63 -12.36
C ALA B 246 8.89 9.56 -12.63
N GLU B 247 9.62 9.92 -11.58
CA GLU B 247 10.76 10.82 -11.69
C GLU B 247 12.05 10.06 -11.97
N GLY B 248 13.04 10.77 -12.50
CA GLY B 248 14.37 10.24 -12.68
C GLY B 248 14.49 9.06 -13.63
N VAL B 249 13.72 9.11 -14.72
CA VAL B 249 13.79 8.06 -15.73
C VAL B 249 14.96 8.31 -16.67
N GLU B 250 15.97 7.44 -16.59
CA GLU B 250 17.21 7.63 -17.34
C GLU B 250 17.20 6.88 -18.68
N THR B 251 17.04 5.56 -18.62
CA THR B 251 17.17 4.73 -19.81
C THR B 251 15.85 4.32 -20.42
N LYS B 252 15.92 3.75 -21.62
CA LYS B 252 14.73 3.32 -22.34
C LYS B 252 14.15 2.05 -21.74
N GLU B 253 15.03 1.14 -21.32
CA GLU B 253 14.62 -0.14 -20.75
C GLU B 253 13.77 0.02 -19.50
N GLN B 254 14.10 1.01 -18.68
CA GLN B 254 13.35 1.26 -17.46
C GLN B 254 12.06 2.04 -17.76
N PHE B 255 12.02 2.65 -18.95
CA PHE B 255 10.80 3.29 -19.42
C PHE B 255 9.83 2.25 -19.95
N GLU B 256 10.37 1.24 -20.61
CA GLU B 256 9.57 0.12 -21.11
C GLU B 256 8.91 -0.61 -19.96
N MET B 257 9.61 -0.64 -18.83
CA MET B 257 9.07 -1.24 -17.61
C MET B 257 7.84 -0.49 -17.13
N LEU B 258 7.95 0.83 -17.06
CA LEU B 258 6.87 1.67 -16.58
C LEU B 258 5.67 1.64 -17.52
N ARG B 259 5.95 1.41 -18.80
CA ARG B 259 4.89 1.27 -19.79
C ARG B 259 4.17 -0.06 -19.62
N LYS B 260 4.92 -1.09 -19.24
CA LYS B 260 4.37 -2.43 -19.04
C LYS B 260 3.45 -2.49 -17.83
N ILE B 261 3.75 -1.69 -16.81
CA ILE B 261 2.88 -1.62 -15.63
C ILE B 261 1.94 -0.44 -15.74
N HIS B 262 1.91 0.16 -16.93
CA HIS B 262 0.99 1.25 -17.26
C HIS B 262 1.18 2.48 -16.38
N CYS B 263 2.40 3.00 -16.34
CA CYS B 263 2.65 4.26 -15.64
C CYS B 263 2.22 5.41 -16.54
N ARG B 264 1.33 6.25 -16.02
CA ARG B 264 0.70 7.30 -16.83
C ARG B 264 1.68 8.36 -17.34
N VAL B 265 2.41 9.00 -16.43
CA VAL B 265 3.29 10.10 -16.80
C VAL B 265 4.76 9.82 -16.49
N ILE B 266 5.63 10.17 -17.43
CA ILE B 266 7.07 9.94 -17.29
C ILE B 266 7.85 11.25 -17.27
N GLN B 267 8.68 11.42 -16.24
CA GLN B 267 9.52 12.61 -16.12
C GLN B 267 10.96 12.22 -15.84
N GLY B 268 11.89 12.73 -16.64
CA GLY B 268 13.29 12.45 -16.42
C GLY B 268 14.21 12.73 -17.59
N TYR B 269 15.45 12.26 -17.48
CA TYR B 269 16.48 12.48 -18.47
C TYR B 269 16.17 11.77 -19.79
N PHE B 270 15.39 10.70 -19.72
CA PHE B 270 15.03 9.93 -20.90
C PHE B 270 14.31 10.76 -21.94
N PHE B 271 13.39 11.61 -21.49
CA PHE B 271 12.65 12.49 -22.38
C PHE B 271 13.37 13.83 -22.54
N SER B 272 13.50 14.57 -21.44
CA SER B 272 14.16 15.87 -21.49
C SER B 272 14.68 16.31 -20.12
N ARG B 273 15.85 16.95 -20.14
CA ARG B 273 16.39 17.60 -18.94
C ARG B 273 15.60 18.86 -18.66
N PRO B 274 15.77 19.45 -17.46
CA PRO B 274 15.15 20.74 -17.19
C PRO B 274 15.62 21.81 -18.18
N LEU B 275 14.69 22.51 -18.81
CA LEU B 275 15.01 23.49 -19.83
C LEU B 275 14.78 24.92 -19.35
N PRO B 276 15.61 25.87 -19.82
CA PRO B 276 15.52 27.28 -19.41
C PRO B 276 14.22 27.96 -19.86
N ALA B 277 14.01 29.18 -19.39
CA ALA B 277 12.76 29.89 -19.62
C ALA B 277 12.55 30.32 -21.07
N GLU B 278 13.58 30.19 -21.89
CA GLU B 278 13.50 30.60 -23.29
C GLU B 278 13.39 29.43 -24.26
N GLU B 279 13.58 28.21 -23.77
CA GLU B 279 13.67 27.04 -24.64
C GLU B 279 12.47 26.09 -24.59
N ILE B 280 11.36 26.54 -24.03
CA ILE B 280 10.16 25.68 -23.97
C ILE B 280 9.27 25.70 -25.23
N PRO B 281 8.92 26.90 -25.76
CA PRO B 281 8.09 26.89 -26.96
C PRO B 281 8.76 26.23 -28.15
N GLY B 282 10.08 26.38 -28.27
CA GLY B 282 10.83 25.78 -29.34
C GLY B 282 10.91 24.27 -29.21
N TRP B 283 10.98 23.80 -27.96
CA TRP B 283 11.07 22.37 -27.69
C TRP B 283 9.73 21.67 -27.95
N MET B 284 8.66 22.26 -27.42
CA MET B 284 7.32 21.69 -27.56
C MET B 284 6.87 21.65 -29.03
N SER B 285 7.33 22.63 -29.80
CA SER B 285 6.91 22.76 -31.20
C SER B 285 7.63 21.75 -32.10
N SER B 286 8.73 21.19 -31.61
CA SER B 286 9.58 20.32 -32.42
C SER B 286 9.41 18.83 -32.12
N VAL B 287 9.71 18.45 -30.88
CA VAL B 287 9.80 17.04 -30.52
C VAL B 287 8.44 16.37 -30.31
N LEU B 288 7.46 17.11 -29.80
CA LEU B 288 6.17 16.54 -29.47
C LEU B 288 5.34 16.23 -30.71
N PRO B 289 4.75 15.03 -30.77
CA PRO B 289 4.87 13.97 -29.75
C PRO B 289 6.04 13.03 -30.04
N LEU B 290 6.45 12.27 -29.04
CA LEU B 290 7.56 11.33 -29.21
C LEU B 290 7.07 9.95 -29.62
N LYS B 291 5.83 9.65 -29.27
CA LYS B 291 5.17 8.39 -29.63
C LYS B 291 5.95 7.17 -29.16
#